data_3V1Z
#
_entry.id   3V1Z
#
_cell.length_a   72.008
_cell.length_b   83.632
_cell.length_c   123.336
_cell.angle_alpha   90.00
_cell.angle_beta   90.00
_cell.angle_gamma   90.00
#
_symmetry.space_group_name_H-M   'P 21 21 2'
#
loop_
_entity.id
_entity.type
_entity.pdbx_description
1 polymer 'Endonuclease Bse634IR'
2 polymer "DNA (5'-D(*TP*CP*GP*CP*GP*CP*CP*GP*GP*CP*GP*CP*G)-3')"
3 water water
#
loop_
_entity_poly.entity_id
_entity_poly.type
_entity_poly.pdbx_seq_one_letter_code
_entity_poly.pdbx_strand_id
1 'polypeptide(L)'
;MTTNLTNSNCVEEYKENGKTKIRIKPFNALIELYHHQTPTGSIKENLDKLENYVKDVVKAKGLAIPTSGAFSNTRGTWFE
VMIAIQSWNYRVKRELNDYLIIKMPNVKTFDFRKIFDNETREKLHQLEKSLLTHKQQVRLITSNPDLLIIRQKDLIKSEY
NLPINKLTHENIDVALTLFKDIEGKCKWDSLVAGVGLKTSLRPDRRLQLVHEGNILKSLFAHLKMAYWNPKAEFKYYGAS
SEPVSKADDDALQTAATHTIVNVNSTPERAVDDIFSLTSFEDIDKMLDQIIKK
;
A,B
2 'polydeoxyribonucleotide' (DT)(DC)(DG)(DC)(DG)(DC)(DC)(DG)(DG)(DC)(DG)(DC)(DG) C,D
#
# COMPACT_ATOMS: atom_id res chain seq x y z
N THR A 3 62.74 14.29 -0.42
CA THR A 3 62.45 12.95 -1.01
C THR A 3 62.32 11.84 0.05
N ASN A 4 62.42 12.24 1.32
CA ASN A 4 62.36 11.31 2.44
C ASN A 4 61.00 10.65 2.62
N LEU A 5 60.94 9.34 2.35
CA LEU A 5 59.69 8.58 2.41
C LEU A 5 59.59 7.69 3.65
N THR A 6 60.68 7.58 4.39
CA THR A 6 60.77 6.68 5.54
C THR A 6 60.03 7.17 6.78
N ASN A 7 59.63 8.44 6.79
CA ASN A 7 58.87 9.01 7.90
C ASN A 7 57.36 9.02 7.67
N SER A 8 56.95 8.51 6.50
CA SER A 8 55.55 8.37 6.14
C SER A 8 54.81 7.38 7.04
N ASN A 9 53.52 7.63 7.23
CA ASN A 9 52.66 6.73 8.02
C ASN A 9 51.52 6.14 7.19
N CYS A 10 51.69 6.11 5.87
CA CYS A 10 50.69 5.51 4.97
C CYS A 10 50.70 3.99 5.04
N VAL A 11 51.71 3.44 5.72
CA VAL A 11 51.80 2.01 6.02
C VAL A 11 52.11 1.81 7.51
N GLU A 12 51.53 0.77 8.10
CA GLU A 12 51.65 0.51 9.52
C GLU A 12 52.15 -0.92 9.76
N GLU A 13 52.91 -1.09 10.82
CA GLU A 13 53.41 -2.40 11.22
C GLU A 13 52.63 -2.92 12.41
N TYR A 14 52.27 -4.21 12.35
CA TYR A 14 51.54 -4.86 13.44
C TYR A 14 51.90 -6.34 13.52
N LYS A 15 51.69 -6.92 14.70
CA LYS A 15 52.06 -8.32 14.93
C LYS A 15 50.88 -9.28 14.84
N GLU A 16 51.15 -10.49 14.37
CA GLU A 16 50.15 -11.56 14.24
C GLU A 16 50.84 -12.92 14.14
N ASN A 17 50.69 -13.72 15.20
CA ASN A 17 51.31 -15.05 15.32
C ASN A 17 52.84 -15.01 15.36
N GLY A 18 53.40 -14.03 16.05
CA GLY A 18 54.86 -13.87 16.19
C GLY A 18 55.57 -13.25 15.01
N LYS A 19 54.79 -12.82 14.01
CA LYS A 19 55.32 -12.21 12.79
C LYS A 19 54.91 -10.73 12.71
N THR A 20 55.77 -9.91 12.12
CA THR A 20 55.44 -8.52 11.84
C THR A 20 54.77 -8.43 10.46
N LYS A 21 53.60 -7.80 10.43
CA LYS A 21 52.79 -7.67 9.22
C LYS A 21 52.67 -6.21 8.79
N ILE A 22 52.40 -6.00 7.50
CA ILE A 22 52.22 -4.66 6.93
C ILE A 22 50.73 -4.32 6.66
N ARG A 23 50.35 -3.11 7.05
CA ARG A 23 48.98 -2.61 6.85
C ARG A 23 49.00 -1.23 6.19
N ILE A 24 48.32 -1.11 5.05
CA ILE A 24 48.12 0.19 4.41
C ILE A 24 47.15 1.02 5.23
N LYS A 25 47.47 2.30 5.39
CA LYS A 25 46.61 3.24 6.09
C LYS A 25 46.11 4.22 5.04
N PRO A 26 44.98 3.88 4.38
CA PRO A 26 44.55 4.59 3.17
C PRO A 26 44.28 6.09 3.39
N PHE A 27 43.81 6.44 4.59
CA PHE A 27 43.53 7.84 4.93
C PHE A 27 44.80 8.65 5.12
N ASN A 28 45.79 8.03 5.75
CA ASN A 28 47.11 8.62 5.92
C ASN A 28 47.78 8.94 4.58
N ALA A 29 47.64 8.03 3.61
CA ALA A 29 48.13 8.26 2.26
C ALA A 29 47.48 9.51 1.63
N LEU A 30 46.18 9.68 1.86
CA LEU A 30 45.44 10.83 1.34
C LEU A 30 45.84 12.15 1.98
N ILE A 31 46.05 12.13 3.29
CA ILE A 31 46.44 13.31 4.05
C ILE A 31 47.85 13.75 3.69
N GLU A 32 48.76 12.79 3.57
CA GLU A 32 50.16 13.06 3.28
C GLU A 32 50.39 13.52 1.83
N LEU A 33 49.41 13.30 0.95
CA LEU A 33 49.49 13.79 -0.43
C LEU A 33 48.63 15.03 -0.69
N TYR A 34 47.53 15.19 0.05
CA TYR A 34 46.55 16.23 -0.27
C TYR A 34 46.24 17.22 0.87
N HIS A 35 47.18 17.41 1.80
CA HIS A 35 46.96 18.25 2.98
C HIS A 35 47.07 19.76 2.70
N HIS A 36 47.53 20.13 1.51
CA HIS A 36 47.57 21.53 1.09
C HIS A 36 46.46 21.84 0.09
N GLN A 37 46.21 20.91 -0.83
CA GLN A 37 45.09 21.02 -1.78
C GLN A 37 44.43 19.67 -2.00
N THR A 38 43.11 19.70 -2.20
CA THR A 38 42.33 18.49 -2.53
C THR A 38 42.65 18.04 -3.97
N PRO A 39 42.45 16.75 -4.28
CA PRO A 39 42.85 16.17 -5.57
C PRO A 39 42.19 16.84 -6.77
N THR A 40 42.89 16.86 -7.90
CA THR A 40 42.43 17.49 -9.13
C THR A 40 42.83 16.68 -10.36
N GLY A 41 42.21 16.96 -11.50
CA GLY A 41 42.56 16.32 -12.76
C GLY A 41 41.93 14.94 -12.93
N SER A 42 42.70 14.03 -13.52
CA SER A 42 42.26 12.66 -13.77
C SER A 42 42.17 11.84 -12.48
N ILE A 43 41.06 11.13 -12.30
CA ILE A 43 40.81 10.34 -11.09
C ILE A 43 41.71 9.10 -11.03
N LYS A 44 41.66 8.30 -12.09
CA LYS A 44 42.43 7.07 -12.21
C LYS A 44 43.93 7.30 -11.94
N GLU A 45 44.45 8.41 -12.46
CA GLU A 45 45.85 8.76 -12.28
C GLU A 45 46.19 9.11 -10.82
N ASN A 46 45.28 9.80 -10.14
CA ASN A 46 45.44 10.10 -8.72
C ASN A 46 45.43 8.83 -7.86
N LEU A 47 44.64 7.84 -8.27
CA LEU A 47 44.58 6.54 -7.59
C LEU A 47 45.87 5.75 -7.76
N ASP A 48 46.40 5.76 -8.98
CA ASP A 48 47.68 5.15 -9.28
C ASP A 48 48.81 5.90 -8.58
N LYS A 49 48.68 7.23 -8.51
CA LYS A 49 49.65 8.09 -7.82
C LYS A 49 49.73 7.75 -6.34
N LEU A 50 48.56 7.60 -5.71
CA LEU A 50 48.47 7.22 -4.31
C LEU A 50 49.04 5.82 -4.08
N GLU A 51 48.83 4.93 -5.05
CA GLU A 51 49.26 3.54 -4.93
C GLU A 51 50.78 3.44 -5.08
N ASN A 52 51.32 4.15 -6.07
CA ASN A 52 52.76 4.25 -6.26
C ASN A 52 53.46 4.97 -5.12
N TYR A 53 52.75 5.88 -4.44
CA TYR A 53 53.28 6.52 -3.24
C TYR A 53 53.48 5.54 -2.08
N VAL A 54 52.49 4.69 -1.81
CA VAL A 54 52.64 3.72 -0.70
C VAL A 54 53.68 2.65 -1.06
N LYS A 55 53.77 2.33 -2.36
CA LYS A 55 54.73 1.37 -2.89
C LYS A 55 56.17 1.88 -2.74
N ASP A 56 56.35 3.18 -3.00
CA ASP A 56 57.64 3.83 -2.77
C ASP A 56 58.00 3.88 -1.30
N VAL A 57 57.00 4.11 -0.45
CA VAL A 57 57.19 4.14 1.00
C VAL A 57 57.66 2.80 1.57
N VAL A 58 56.98 1.70 1.20
CA VAL A 58 57.36 0.36 1.67
C VAL A 58 58.76 -0.04 1.21
N LYS A 59 59.10 0.38 -0.01
CA LYS A 59 60.39 0.14 -0.64
C LYS A 59 61.50 0.86 0.13
N ALA A 60 61.28 2.15 0.39
CA ALA A 60 62.20 3.00 1.14
C ALA A 60 62.39 2.52 2.57
N LYS A 61 61.36 1.91 3.13
CA LYS A 61 61.42 1.34 4.49
C LYS A 61 61.93 -0.11 4.48
N GLY A 62 62.09 -0.68 3.29
CA GLY A 62 62.63 -2.03 3.11
C GLY A 62 61.67 -3.16 3.46
N LEU A 63 60.37 -2.89 3.35
CA LEU A 63 59.35 -3.83 3.81
C LEU A 63 58.69 -4.58 2.65
N ALA A 64 57.94 -5.61 3.00
CA ALA A 64 57.17 -6.40 2.04
C ALA A 64 56.09 -5.55 1.41
N ILE A 65 55.97 -5.65 0.09
CA ILE A 65 54.90 -4.98 -0.66
C ILE A 65 53.52 -5.57 -0.30
N PRO A 66 52.55 -4.71 0.03
CA PRO A 66 51.17 -5.18 0.25
C PRO A 66 50.62 -5.98 -0.93
N THR A 67 49.75 -6.94 -0.63
CA THR A 67 49.16 -7.79 -1.64
C THR A 67 48.16 -7.00 -2.50
N SER A 68 47.80 -7.58 -3.64
CA SER A 68 46.80 -7.00 -4.54
C SER A 68 45.44 -6.81 -3.87
N GLY A 69 45.13 -7.68 -2.90
CA GLY A 69 43.92 -7.55 -2.11
C GLY A 69 43.92 -6.34 -1.19
N ALA A 70 45.07 -6.05 -0.59
CA ALA A 70 45.25 -4.84 0.22
C ALA A 70 45.04 -3.59 -0.62
N PHE A 71 45.52 -3.64 -1.87
CA PHE A 71 45.38 -2.50 -2.77
C PHE A 71 43.97 -2.37 -3.33
N SER A 72 43.36 -3.51 -3.68
CA SER A 72 41.93 -3.56 -4.03
C SER A 72 41.09 -2.87 -2.97
N ASN A 73 41.28 -3.28 -1.71
CA ASN A 73 40.60 -2.67 -0.58
C ASN A 73 40.90 -1.17 -0.52
N THR A 74 42.19 -0.83 -0.54
CA THR A 74 42.70 0.52 -0.40
C THR A 74 42.21 1.49 -1.49
N ARG A 75 42.30 1.07 -2.76
CA ARG A 75 41.81 1.86 -3.88
C ARG A 75 40.31 2.16 -3.80
N GLY A 76 39.53 1.18 -3.34
CA GLY A 76 38.10 1.36 -3.09
C GLY A 76 37.80 2.52 -2.15
N THR A 77 38.58 2.65 -1.07
CA THR A 77 38.43 3.74 -0.10
C THR A 77 38.86 5.10 -0.66
N TRP A 78 39.95 5.13 -1.41
CA TRP A 78 40.43 6.37 -2.01
C TRP A 78 39.36 6.98 -2.91
N PHE A 79 38.88 6.21 -3.88
CA PHE A 79 37.81 6.61 -4.78
C PHE A 79 36.57 7.12 -4.02
N GLU A 80 36.13 6.39 -3.01
CA GLU A 80 34.95 6.80 -2.22
C GLU A 80 35.16 8.14 -1.51
N VAL A 81 36.34 8.32 -0.93
CA VAL A 81 36.69 9.56 -0.24
C VAL A 81 36.84 10.73 -1.22
N MET A 82 37.48 10.49 -2.36
CA MET A 82 37.56 11.50 -3.42
C MET A 82 36.17 11.99 -3.82
N ILE A 83 35.24 11.03 -4.00
CA ILE A 83 33.86 11.32 -4.39
C ILE A 83 33.10 12.05 -3.28
N ALA A 84 33.20 11.54 -2.05
CA ALA A 84 32.57 12.15 -0.89
C ALA A 84 32.99 13.60 -0.69
N ILE A 85 34.29 13.88 -0.85
CA ILE A 85 34.82 15.23 -0.68
C ILE A 85 34.34 16.13 -1.82
N GLN A 86 34.45 15.67 -3.05
CA GLN A 86 33.98 16.43 -4.20
C GLN A 86 32.47 16.72 -4.11
N SER A 87 31.70 15.76 -3.62
CA SER A 87 30.25 15.91 -3.43
C SER A 87 29.92 16.92 -2.32
N TRP A 88 30.70 16.90 -1.24
CA TRP A 88 30.62 17.90 -0.19
C TRP A 88 30.79 19.33 -0.75
N ASN A 89 31.79 19.50 -1.62
CA ASN A 89 32.12 20.80 -2.19
C ASN A 89 31.15 21.24 -3.28
N TYR A 90 30.54 20.26 -3.92
CA TYR A 90 29.56 20.48 -4.97
C TYR A 90 28.32 21.21 -4.43
N ARG A 91 27.76 20.73 -3.32
CA ARG A 91 26.55 21.32 -2.77
C ARG A 91 26.81 22.70 -2.16
N VAL A 92 28.06 22.96 -1.78
CA VAL A 92 28.49 24.28 -1.34
C VAL A 92 28.53 25.24 -2.54
N LYS A 93 29.32 24.91 -3.56
CA LYS A 93 29.50 25.83 -4.68
C LYS A 93 28.25 26.03 -5.55
N ARG A 94 27.39 25.00 -5.60
CA ARG A 94 26.07 25.08 -6.25
C ARG A 94 25.04 25.74 -5.34
N GLU A 95 25.38 25.87 -4.06
N GLU A 95 25.35 25.82 -4.05
CA GLU A 95 24.48 26.36 -3.00
CA GLU A 95 24.45 26.40 -3.05
C GLU A 95 23.14 25.63 -2.96
C GLU A 95 23.12 25.63 -2.96
N LEU A 96 23.21 24.30 -2.85
CA LEU A 96 22.03 23.46 -2.75
C LEU A 96 21.59 23.39 -1.29
N ASN A 97 20.76 24.34 -0.91
CA ASN A 97 20.29 24.52 0.47
C ASN A 97 19.49 23.35 1.03
N ASP A 98 19.03 22.46 0.15
CA ASP A 98 18.10 21.41 0.52
C ASP A 98 18.55 19.99 0.09
N TYR A 99 19.81 19.86 -0.35
CA TYR A 99 20.37 18.56 -0.69
C TYR A 99 21.56 18.17 0.19
N LEU A 100 21.69 16.88 0.44
CA LEU A 100 22.89 16.32 1.05
C LEU A 100 23.34 15.15 0.20
N ILE A 101 24.65 15.06 -0.01
CA ILE A 101 25.24 13.88 -0.65
C ILE A 101 26.15 13.21 0.36
N ILE A 102 25.81 11.98 0.74
CA ILE A 102 26.39 11.32 1.91
C ILE A 102 27.02 9.98 1.56
N LYS A 103 28.31 9.83 1.87
CA LYS A 103 29.01 8.54 1.80
C LYS A 103 28.62 7.68 3.01
N MET A 104 27.94 6.58 2.73
CA MET A 104 27.43 5.71 3.78
C MET A 104 28.47 4.69 4.22
N PRO A 105 28.48 4.32 5.52
CA PRO A 105 29.29 3.21 6.01
C PRO A 105 28.60 1.88 5.69
N ASN A 106 29.10 0.78 6.25
CA ASN A 106 28.50 -0.51 5.95
C ASN A 106 27.24 -0.80 6.76
N VAL A 107 26.44 -1.76 6.27
CA VAL A 107 25.13 -2.12 6.83
C VAL A 107 25.13 -2.44 8.34
N LYS A 108 26.26 -2.90 8.86
CA LYS A 108 26.38 -3.24 10.30
C LYS A 108 26.67 -2.02 11.16
N THR A 109 27.56 -1.15 10.69
CA THR A 109 27.86 0.10 11.37
C THR A 109 26.61 0.98 11.40
N PHE A 110 25.95 1.11 10.26
CA PHE A 110 24.75 1.94 10.15
C PHE A 110 23.92 1.50 8.94
N ASP A 111 22.94 0.62 9.17
CA ASP A 111 21.96 0.26 8.15
C ASP A 111 21.27 1.52 7.65
N PHE A 112 21.30 1.73 6.34
CA PHE A 112 20.77 2.93 5.71
C PHE A 112 19.31 3.19 6.08
N ARG A 113 18.58 2.13 6.44
CA ARG A 113 17.20 2.23 6.88
C ARG A 113 17.03 3.11 8.13
N LYS A 114 18.13 3.31 8.87
CA LYS A 114 18.11 4.10 10.10
C LYS A 114 18.04 5.61 9.87
N ILE A 115 18.22 6.04 8.61
CA ILE A 115 18.07 7.44 8.23
C ILE A 115 16.62 7.91 8.33
N PHE A 116 15.70 6.98 8.13
CA PHE A 116 14.27 7.30 8.01
C PHE A 116 13.62 7.63 9.34
N ASP A 117 12.58 8.46 9.30
CA ASP A 117 11.80 8.76 10.50
C ASP A 117 10.99 7.54 10.98
N ASN A 118 10.52 7.61 12.23
CA ASN A 118 9.80 6.51 12.87
C ASN A 118 8.69 5.88 12.02
N GLU A 119 7.89 6.73 11.37
CA GLU A 119 6.75 6.26 10.60
C GLU A 119 7.17 5.37 9.43
N THR A 120 8.20 5.79 8.72
CA THR A 120 8.70 5.05 7.54
C THR A 120 9.43 3.77 7.94
N ARG A 121 10.12 3.82 9.08
CA ARG A 121 10.80 2.63 9.59
C ARG A 121 9.81 1.53 9.99
N GLU A 122 8.65 1.94 10.50
CA GLU A 122 7.57 1.02 10.82
C GLU A 122 6.91 0.40 9.59
N LYS A 123 6.82 1.18 8.51
CA LYS A 123 6.32 0.69 7.22
C LYS A 123 7.20 -0.44 6.69
N LEU A 124 8.52 -0.25 6.82
CA LEU A 124 9.53 -1.21 6.38
C LEU A 124 9.62 -2.40 7.32
N HIS A 125 9.34 -2.18 8.61
CA HIS A 125 9.30 -3.25 9.59
C HIS A 125 8.10 -4.17 9.38
N GLN A 126 6.96 -3.59 8.97
CA GLN A 126 5.76 -4.34 8.58
C GLN A 126 6.03 -5.24 7.38
N LEU A 127 6.75 -4.70 6.39
CA LEU A 127 7.11 -5.49 5.21
C LEU A 127 8.08 -6.61 5.57
N GLU A 128 9.15 -6.28 6.31
CA GLU A 128 10.17 -7.24 6.72
C GLU A 128 9.56 -8.38 7.54
N LYS A 129 8.73 -8.02 8.50
CA LYS A 129 8.12 -8.97 9.42
C LYS A 129 7.10 -9.87 8.73
N SER A 130 6.35 -9.30 7.76
CA SER A 130 5.38 -10.10 6.99
C SER A 130 6.08 -11.07 6.05
N LEU A 131 7.20 -10.63 5.46
CA LEU A 131 7.99 -11.49 4.57
C LEU A 131 8.53 -12.73 5.28
N LEU A 132 8.78 -12.61 6.58
CA LEU A 132 9.20 -13.73 7.43
C LEU A 132 8.03 -14.56 7.95
N THR A 133 6.80 -14.07 7.78
CA THR A 133 5.61 -14.78 8.28
C THR A 133 5.08 -15.75 7.22
N HIS A 134 5.95 -16.64 6.78
CA HIS A 134 5.60 -17.66 5.81
C HIS A 134 6.37 -18.92 6.13
N LYS A 135 5.96 -20.03 5.52
CA LYS A 135 6.68 -21.30 5.63
C LYS A 135 8.13 -21.12 5.17
N GLN A 136 8.30 -20.59 3.95
CA GLN A 136 9.60 -20.21 3.44
C GLN A 136 9.82 -18.73 3.74
N GLN A 137 10.73 -18.46 4.69
CA GLN A 137 11.04 -17.09 5.11
C GLN A 137 11.88 -16.37 4.05
N VAL A 138 11.47 -15.16 3.68
CA VAL A 138 12.24 -14.34 2.74
C VAL A 138 12.64 -12.99 3.34
N ARG A 139 13.67 -12.39 2.76
CA ARG A 139 14.19 -11.11 3.20
C ARG A 139 14.45 -10.22 2.00
N LEU A 140 14.89 -8.99 2.28
CA LEU A 140 15.33 -8.03 1.26
C LEU A 140 16.67 -7.44 1.71
N ILE A 141 17.75 -8.17 1.42
CA ILE A 141 19.08 -7.79 1.86
C ILE A 141 19.95 -7.29 0.71
N THR A 142 20.62 -6.17 0.95
CA THR A 142 21.61 -5.62 0.03
C THR A 142 22.72 -4.94 0.84
N SER A 143 23.84 -4.64 0.19
CA SER A 143 24.86 -3.81 0.83
C SER A 143 24.33 -2.38 0.93
N ASN A 144 24.85 -1.61 1.89
CA ASN A 144 24.52 -0.19 1.97
C ASN A 144 24.92 0.48 0.66
N PRO A 145 24.08 1.41 0.17
CA PRO A 145 24.52 2.18 -1.01
C PRO A 145 25.76 2.99 -0.65
N ASP A 146 26.68 3.13 -1.60
CA ASP A 146 27.92 3.88 -1.32
C ASP A 146 27.61 5.35 -1.08
N LEU A 147 26.79 5.91 -1.96
CA LEU A 147 26.44 7.33 -1.89
C LEU A 147 24.92 7.48 -1.83
N LEU A 148 24.42 8.35 -0.95
CA LEU A 148 22.99 8.66 -0.92
C LEU A 148 22.70 10.14 -1.10
N ILE A 149 21.75 10.45 -1.98
CA ILE A 149 21.34 11.81 -2.24
C ILE A 149 19.97 12.05 -1.60
N ILE A 150 19.94 12.97 -0.65
CA ILE A 150 18.75 13.25 0.13
C ILE A 150 18.29 14.69 -0.08
N ARG A 151 17.03 14.85 -0.47
CA ARG A 151 16.43 16.17 -0.56
C ARG A 151 15.47 16.48 0.59
N GLN A 152 15.99 17.20 1.59
CA GLN A 152 15.20 17.66 2.72
C GLN A 152 15.86 18.91 3.31
N LYS A 153 15.17 20.06 3.19
CA LYS A 153 15.74 21.36 3.55
C LYS A 153 16.18 21.49 5.01
N ASP A 154 15.39 20.92 5.94
CA ASP A 154 15.64 21.09 7.37
C ASP A 154 16.80 20.27 7.94
N LEU A 155 17.45 19.48 7.09
CA LEU A 155 18.62 18.70 7.50
C LEU A 155 19.91 19.49 7.39
N ILE A 156 19.90 20.50 6.51
CA ILE A 156 21.09 21.29 6.21
C ILE A 156 21.40 22.30 7.30
N LYS A 157 22.57 22.15 7.91
CA LYS A 157 23.10 23.13 8.85
C LYS A 157 24.27 23.89 8.24
N SER A 158 24.58 25.07 8.79
CA SER A 158 25.55 25.98 8.19
C SER A 158 26.99 25.45 8.17
N GLU A 159 27.27 24.50 9.05
CA GLU A 159 28.59 23.86 9.10
C GLU A 159 28.93 23.10 7.81
N TYR A 160 27.89 22.63 7.12
CA TYR A 160 28.05 21.95 5.83
C TYR A 160 28.47 22.89 4.72
N ASN A 161 28.27 24.19 4.95
CA ASN A 161 28.51 25.21 3.93
C ASN A 161 29.94 25.76 3.92
N LEU A 162 30.80 25.17 4.76
CA LEU A 162 32.24 25.42 4.69
C LEU A 162 32.89 24.37 3.81
N PRO A 163 33.61 24.80 2.76
CA PRO A 163 34.18 23.85 1.81
C PRO A 163 35.44 23.17 2.34
N ILE A 164 35.76 22.01 1.77
CA ILE A 164 36.95 21.24 2.11
C ILE A 164 38.03 21.49 1.05
N ASN A 165 39.03 22.28 1.43
CA ASN A 165 40.10 22.68 0.53
C ASN A 165 41.37 21.85 0.71
N LYS A 166 41.44 21.12 1.83
CA LYS A 166 42.60 20.29 2.16
C LYS A 166 42.17 19.06 2.97
N LEU A 167 42.88 17.94 2.78
CA LEU A 167 42.51 16.68 3.45
C LEU A 167 43.25 16.49 4.77
N THR A 168 42.52 16.70 5.87
CA THR A 168 43.03 16.44 7.21
C THR A 168 42.25 15.28 7.81
N HIS A 169 42.74 14.75 8.93
N HIS A 169 42.75 14.76 8.93
CA HIS A 169 41.99 13.74 9.69
CA HIS A 169 42.02 13.75 9.72
C HIS A 169 40.61 14.28 10.06
C HIS A 169 40.64 14.26 10.10
N GLU A 170 40.57 15.56 10.41
CA GLU A 170 39.33 16.22 10.84
C GLU A 170 38.33 16.40 9.69
N ASN A 171 38.84 16.73 8.50
CA ASN A 171 38.01 16.91 7.31
C ASN A 171 37.44 15.60 6.76
N ILE A 172 38.26 14.57 6.77
CA ILE A 172 37.83 13.25 6.30
C ILE A 172 36.79 12.69 7.27
N ASP A 173 37.00 12.93 8.56
CA ASP A 173 36.07 12.48 9.59
C ASP A 173 34.67 13.07 9.43
N VAL A 174 34.58 14.38 9.18
CA VAL A 174 33.28 15.05 9.04
C VAL A 174 32.48 14.58 7.82
N ALA A 175 33.16 14.35 6.69
CA ALA A 175 32.53 13.82 5.50
C ALA A 175 32.03 12.39 5.72
N LEU A 176 32.82 11.59 6.44
CA LEU A 176 32.55 10.18 6.64
C LEU A 176 31.65 9.85 7.83
N THR A 177 31.31 10.83 8.65
CA THR A 177 30.34 10.64 9.74
C THR A 177 29.08 11.48 9.53
N LEU A 178 28.94 12.02 8.32
CA LEU A 178 27.81 12.86 7.94
C LEU A 178 26.48 12.13 8.12
N PHE A 179 26.48 10.83 7.81
CA PHE A 179 25.32 9.96 7.97
C PHE A 179 24.69 9.98 9.37
N LYS A 180 25.50 10.33 10.39
CA LYS A 180 25.06 10.33 11.78
C LYS A 180 24.10 11.47 12.11
N ASP A 181 24.23 12.57 11.36
CA ASP A 181 23.46 13.78 11.62
C ASP A 181 22.00 13.63 11.20
N ILE A 182 21.76 12.77 10.21
CA ILE A 182 20.42 12.59 9.64
C ILE A 182 19.66 11.38 10.21
N GLU A 183 20.27 10.66 11.16
CA GLU A 183 19.66 9.45 11.73
C GLU A 183 18.27 9.70 12.28
N GLY A 184 17.29 9.00 11.72
CA GLY A 184 15.90 9.08 12.16
C GLY A 184 15.19 10.38 11.81
N LYS A 185 15.60 10.99 10.72
CA LYS A 185 15.11 12.32 10.36
C LYS A 185 14.56 12.43 8.94
N CYS A 186 14.90 11.49 8.08
CA CYS A 186 14.48 11.59 6.68
C CYS A 186 13.06 11.08 6.50
N LYS A 187 12.22 11.94 5.97
CA LYS A 187 10.93 11.50 5.44
C LYS A 187 11.24 10.56 4.28
N TRP A 188 10.31 9.67 3.96
CA TRP A 188 10.57 8.59 3.03
C TRP A 188 10.92 9.06 1.60
N ASP A 189 10.31 10.17 1.18
CA ASP A 189 10.47 10.64 -0.20
C ASP A 189 11.58 11.69 -0.32
N SER A 190 12.20 12.01 0.83
CA SER A 190 13.43 12.79 0.88
C SER A 190 14.60 12.06 0.22
N LEU A 191 14.60 10.74 0.28
CA LEU A 191 15.63 9.94 -0.37
C LEU A 191 15.34 9.87 -1.87
N VAL A 192 16.18 10.53 -2.67
CA VAL A 192 15.90 10.66 -4.09
C VAL A 192 16.81 9.84 -4.99
N ALA A 193 18.00 9.47 -4.49
CA ALA A 193 18.96 8.69 -5.27
C ALA A 193 20.06 8.06 -4.43
N GLY A 194 20.62 6.99 -4.96
CA GLY A 194 21.80 6.34 -4.38
C GLY A 194 22.75 6.06 -5.53
N VAL A 195 24.05 6.00 -5.23
CA VAL A 195 25.06 5.70 -6.25
C VAL A 195 26.00 4.61 -5.75
N GLY A 196 26.28 3.65 -6.63
CA GLY A 196 27.30 2.65 -6.41
C GLY A 196 28.59 3.06 -7.11
N LEU A 197 29.67 3.05 -6.35
CA LEU A 197 30.95 3.57 -6.81
C LEU A 197 31.98 2.46 -6.96
N LYS A 198 32.52 2.33 -8.18
CA LYS A 198 33.49 1.28 -8.46
C LYS A 198 34.68 1.78 -9.24
N THR A 199 35.89 1.49 -8.76
CA THR A 199 37.09 1.89 -9.48
C THR A 199 37.16 1.19 -10.84
N SER A 200 36.69 -0.05 -10.90
CA SER A 200 36.61 -0.80 -12.14
C SER A 200 35.40 -1.72 -12.10
N LEU A 201 35.04 -2.24 -13.27
CA LEU A 201 33.94 -3.21 -13.35
C LEU A 201 34.42 -4.57 -13.84
N ARG A 202 33.66 -5.61 -13.47
CA ARG A 202 33.81 -6.94 -14.04
C ARG A 202 32.40 -7.43 -14.38
N PRO A 203 32.26 -8.32 -15.39
CA PRO A 203 30.95 -8.92 -15.73
C PRO A 203 30.20 -9.50 -14.53
N ASP A 204 30.92 -10.07 -13.57
CA ASP A 204 30.29 -10.54 -12.33
C ASP A 204 29.95 -9.38 -11.40
N ARG A 205 30.93 -8.50 -11.15
CA ARG A 205 30.80 -7.47 -10.12
C ARG A 205 29.83 -6.34 -10.48
N ARG A 206 29.65 -6.08 -11.76
CA ARG A 206 28.73 -5.06 -12.21
C ARG A 206 27.28 -5.46 -11.91
N LEU A 207 27.02 -6.75 -11.81
CA LEU A 207 25.68 -7.24 -11.53
C LEU A 207 25.28 -7.02 -10.07
N GLN A 208 26.24 -6.68 -9.22
CA GLN A 208 25.94 -6.28 -7.84
C GLN A 208 25.24 -4.92 -7.82
N LEU A 209 25.49 -4.11 -8.83
CA LEU A 209 24.82 -2.81 -8.96
C LEU A 209 23.34 -3.00 -9.33
N VAL A 210 23.06 -4.03 -10.13
CA VAL A 210 21.69 -4.39 -10.48
C VAL A 210 20.94 -4.92 -9.25
N HIS A 211 21.55 -5.82 -8.50
CA HIS A 211 20.93 -6.32 -7.28
C HIS A 211 20.57 -5.16 -6.35
N GLU A 212 21.56 -4.30 -6.10
CA GLU A 212 21.39 -3.12 -5.24
C GLU A 212 20.21 -2.24 -5.67
N GLY A 213 20.17 -1.87 -6.96
CA GLY A 213 19.09 -1.06 -7.49
C GLY A 213 17.76 -1.77 -7.37
N ASN A 214 17.73 -3.03 -7.78
CA ASN A 214 16.52 -3.86 -7.68
C ASN A 214 15.93 -3.90 -6.28
N ILE A 215 16.77 -4.16 -5.27
CA ILE A 215 16.29 -4.28 -3.90
C ILE A 215 15.83 -2.93 -3.32
N LEU A 216 16.56 -1.87 -3.67
CA LEU A 216 16.29 -0.53 -3.15
C LEU A 216 14.99 0.03 -3.72
N LYS A 217 14.77 -0.21 -5.01
CA LYS A 217 13.56 0.20 -5.70
C LYS A 217 12.35 -0.62 -5.29
N SER A 218 12.61 -1.84 -4.81
CA SER A 218 11.58 -2.72 -4.28
C SER A 218 11.12 -2.29 -2.89
N LEU A 219 12.08 -1.88 -2.05
CA LEU A 219 11.75 -1.27 -0.76
C LEU A 219 11.02 0.08 -0.95
N PHE A 220 11.43 0.84 -1.96
CA PHE A 220 10.84 2.15 -2.24
C PHE A 220 9.44 2.05 -2.83
N ALA A 221 9.23 1.08 -3.71
CA ALA A 221 7.91 0.82 -4.30
C ALA A 221 6.89 0.45 -3.22
N HIS A 222 7.34 -0.27 -2.19
CA HIS A 222 6.49 -0.53 -1.02
C HIS A 222 6.08 0.77 -0.34
N LEU A 223 7.03 1.69 -0.18
CA LEU A 223 6.76 2.97 0.46
C LEU A 223 5.79 3.83 -0.34
N LYS A 224 5.95 3.83 -1.67
CA LYS A 224 5.05 4.50 -2.59
C LYS A 224 3.62 4.01 -2.48
N MET A 225 3.44 2.71 -2.23
CA MET A 225 2.10 2.15 -1.99
C MET A 225 1.57 2.42 -0.59
N ALA A 226 2.43 2.29 0.41
CA ALA A 226 2.07 2.59 1.81
C ALA A 226 1.64 4.05 2.01
N TYR A 227 2.22 4.94 1.21
CA TYR A 227 1.86 6.36 1.22
C TYR A 227 1.06 6.77 -0.03
N TRP A 228 0.60 5.77 -0.79
CA TRP A 228 -0.14 5.94 -2.05
C TRP A 228 0.26 7.18 -2.87
N ASN A 229 1.56 7.29 -3.14
CA ASN A 229 2.14 8.40 -3.87
C ASN A 229 2.74 7.91 -5.18
N PRO A 230 2.12 8.26 -6.33
CA PRO A 230 2.60 7.82 -7.64
C PRO A 230 3.69 8.73 -8.22
N LYS A 231 3.95 9.86 -7.56
CA LYS A 231 4.88 10.87 -8.07
C LYS A 231 6.32 10.71 -7.56
N ALA A 232 6.47 10.33 -6.29
CA ALA A 232 7.80 10.17 -5.68
C ALA A 232 8.65 9.16 -6.45
N GLU A 233 9.91 9.54 -6.71
CA GLU A 233 10.83 8.69 -7.44
C GLU A 233 12.11 8.45 -6.66
N PHE A 234 12.65 7.25 -6.80
CA PHE A 234 13.99 6.91 -6.33
C PHE A 234 14.75 6.33 -7.50
N LYS A 235 15.90 6.93 -7.79
CA LYS A 235 16.74 6.46 -8.88
C LYS A 235 18.05 5.89 -8.36
N TYR A 236 18.55 4.87 -9.06
CA TYR A 236 19.82 4.29 -8.69
C TYR A 236 20.82 4.34 -9.83
N TYR A 237 22.05 4.72 -9.49
CA TYR A 237 23.06 4.99 -10.49
C TYR A 237 24.35 4.23 -10.20
N GLY A 238 25.13 4.00 -11.25
CA GLY A 238 26.46 3.44 -11.12
C GLY A 238 27.49 4.47 -11.52
N ALA A 239 28.73 4.30 -11.05
CA ALA A 239 29.83 5.17 -11.46
C ALA A 239 31.16 4.44 -11.38
N SER A 240 31.85 4.41 -12.53
CA SER A 240 33.16 3.76 -12.63
C SER A 240 34.26 4.83 -12.79
N SER A 241 35.50 4.49 -12.45
CA SER A 241 36.63 5.38 -12.73
C SER A 241 37.32 5.03 -14.06
N GLU A 242 36.89 3.92 -14.66
CA GLU A 242 37.44 3.43 -15.93
C GLU A 242 36.42 3.66 -17.05
N PRO A 243 36.86 3.53 -18.32
CA PRO A 243 35.87 3.54 -19.39
C PRO A 243 34.82 2.45 -19.18
N VAL A 244 33.58 2.75 -19.56
CA VAL A 244 32.47 1.81 -19.46
C VAL A 244 32.23 1.27 -20.88
N SER A 245 32.17 -0.06 -21.03
CA SER A 245 32.01 -0.67 -22.34
C SER A 245 30.54 -0.89 -22.71
N LYS A 246 30.30 -1.27 -23.97
N LYS A 246 30.29 -1.28 -23.96
CA LYS A 246 28.99 -1.65 -24.47
CA LYS A 246 28.96 -1.63 -24.43
C LYS A 246 28.39 -2.79 -23.64
C LYS A 246 28.38 -2.81 -23.66
N ALA A 247 29.23 -3.78 -23.34
CA ALA A 247 28.82 -4.94 -22.56
C ALA A 247 28.47 -4.55 -21.11
N ASP A 248 29.23 -3.60 -20.54
CA ASP A 248 28.89 -3.02 -19.21
C ASP A 248 27.53 -2.31 -19.27
N ASP A 249 27.32 -1.57 -20.36
CA ASP A 249 26.11 -0.79 -20.63
C ASP A 249 24.86 -1.65 -20.74
N ASP A 250 24.95 -2.73 -21.52
CA ASP A 250 23.86 -3.70 -21.65
C ASP A 250 23.48 -4.31 -20.31
N ALA A 251 24.46 -4.87 -19.60
CA ALA A 251 24.21 -5.49 -18.29
C ALA A 251 23.45 -4.56 -17.37
N LEU A 252 23.86 -3.29 -17.35
CA LEU A 252 23.26 -2.32 -16.44
C LEU A 252 21.97 -1.67 -16.98
N GLN A 253 21.51 -2.14 -18.14
CA GLN A 253 20.14 -1.86 -18.62
C GLN A 253 19.13 -2.87 -18.06
N THR A 254 19.62 -3.85 -17.30
CA THR A 254 18.78 -4.89 -16.73
C THR A 254 17.67 -4.31 -15.86
N ALA A 255 16.49 -4.93 -15.93
CA ALA A 255 15.29 -4.40 -15.32
C ALA A 255 15.22 -4.69 -13.83
N ALA A 256 14.57 -3.78 -13.10
CA ALA A 256 14.04 -4.08 -11.79
C ALA A 256 12.84 -5.01 -12.06
N THR A 257 13.00 -6.28 -11.74
CA THR A 257 12.11 -7.33 -12.26
C THR A 257 10.63 -7.21 -11.87
N HIS A 258 10.35 -6.54 -10.76
CA HIS A 258 8.97 -6.32 -10.32
C HIS A 258 8.17 -5.39 -11.24
N THR A 259 8.87 -4.70 -12.14
CA THR A 259 8.24 -3.74 -13.05
C THR A 259 7.93 -4.34 -14.42
N ILE A 260 8.32 -5.59 -14.66
CA ILE A 260 8.14 -6.20 -15.98
C ILE A 260 7.14 -7.36 -16.06
N VAL A 261 6.41 -7.61 -14.97
CA VAL A 261 5.49 -8.76 -14.90
C VAL A 261 4.36 -8.68 -15.96
N ASN A 262 3.80 -7.50 -16.14
CA ASN A 262 2.62 -7.32 -16.98
C ASN A 262 2.93 -6.70 -18.35
N VAL A 263 2.14 -7.04 -19.36
CA VAL A 263 2.40 -6.61 -20.75
C VAL A 263 2.33 -5.08 -20.96
N ASN A 264 1.52 -4.40 -20.13
CA ASN A 264 1.33 -2.95 -20.24
C ASN A 264 1.97 -2.14 -19.10
N SER A 265 2.91 -2.78 -18.39
CA SER A 265 3.79 -2.07 -17.46
C SER A 265 4.85 -1.35 -18.26
N THR A 266 5.28 -0.18 -17.79
CA THR A 266 6.46 0.47 -18.34
C THR A 266 7.66 0.02 -17.49
N PRO A 267 8.59 -0.73 -18.12
CA PRO A 267 9.70 -1.32 -17.38
C PRO A 267 10.69 -0.26 -16.91
N GLU A 268 11.17 -0.43 -15.69
CA GLU A 268 12.21 0.42 -15.12
C GLU A 268 13.52 -0.35 -15.04
N ARG A 269 14.60 0.31 -15.44
CA ARG A 269 15.95 -0.18 -15.19
C ARG A 269 16.20 -0.18 -13.68
N ALA A 270 16.85 -1.23 -13.18
CA ALA A 270 17.29 -1.27 -11.77
C ALA A 270 18.37 -0.19 -11.51
N VAL A 271 19.24 -0.01 -12.49
CA VAL A 271 20.25 1.04 -12.49
C VAL A 271 19.95 2.00 -13.62
N ASP A 272 19.54 3.22 -13.25
CA ASP A 272 19.07 4.21 -14.20
C ASP A 272 20.12 4.71 -15.17
N ASP A 273 21.36 4.81 -14.70
CA ASP A 273 22.48 5.22 -15.58
C ASP A 273 23.82 4.81 -14.96
N ILE A 274 24.81 4.63 -15.83
CA ILE A 274 26.18 4.32 -15.42
C ILE A 274 27.12 5.44 -15.89
N PHE A 275 27.89 6.00 -14.96
CA PHE A 275 28.79 7.11 -15.25
C PHE A 275 30.26 6.69 -15.28
N SER A 276 30.98 7.13 -16.32
CA SER A 276 32.41 6.91 -16.41
C SER A 276 33.11 8.19 -15.97
N LEU A 277 33.62 8.19 -14.74
CA LEU A 277 34.24 9.37 -14.16
C LEU A 277 35.73 9.43 -14.43
N THR A 278 36.09 10.13 -15.51
CA THR A 278 37.47 10.30 -15.95
C THR A 278 38.18 11.35 -15.07
N SER A 279 37.51 12.47 -14.84
CA SER A 279 38.07 13.58 -14.06
C SER A 279 37.17 13.99 -12.90
N PHE A 280 37.69 14.86 -12.04
CA PHE A 280 36.92 15.39 -10.93
C PHE A 280 35.75 16.27 -11.40
N GLU A 281 35.96 16.95 -12.54
CA GLU A 281 34.90 17.67 -13.24
C GLU A 281 33.73 16.77 -13.60
N ASP A 282 34.01 15.48 -13.86
CA ASP A 282 32.96 14.52 -14.19
C ASP A 282 32.07 14.18 -13.00
N ILE A 283 32.62 14.21 -11.79
CA ILE A 283 31.82 14.05 -10.57
C ILE A 283 30.75 15.14 -10.49
N ASP A 284 31.15 16.38 -10.74
CA ASP A 284 30.23 17.52 -10.81
C ASP A 284 29.19 17.35 -11.91
N LYS A 285 29.64 16.93 -13.09
CA LYS A 285 28.73 16.60 -14.20
C LYS A 285 27.71 15.54 -13.84
N MET A 286 28.17 14.46 -13.21
CA MET A 286 27.28 13.39 -12.75
C MET A 286 26.25 13.89 -11.74
N LEU A 287 26.70 14.70 -10.78
CA LEU A 287 25.78 15.20 -9.77
C LEU A 287 24.76 16.15 -10.38
N ASP A 288 25.17 16.91 -11.41
CA ASP A 288 24.25 17.76 -12.16
C ASP A 288 23.09 16.99 -12.79
N GLN A 289 23.40 15.83 -13.39
N GLN A 289 23.39 15.83 -13.37
CA GLN A 289 22.37 15.01 -14.05
CA GLN A 289 22.39 15.01 -14.05
C GLN A 289 21.44 14.36 -13.04
C GLN A 289 21.45 14.26 -13.10
N ILE A 290 22.01 13.78 -11.99
CA ILE A 290 21.24 13.09 -10.96
C ILE A 290 20.27 14.04 -10.26
N ILE A 291 20.76 15.24 -9.97
CA ILE A 291 20.00 16.22 -9.18
C ILE A 291 19.05 17.07 -10.03
N LYS A 292 19.59 17.65 -11.10
CA LYS A 292 18.84 18.53 -12.01
C LYS A 292 18.81 17.96 -13.43
N ASN B 4 -62.51 -4.59 9.15
CA ASN B 4 -62.51 -4.92 7.69
C ASN B 4 -61.43 -4.15 6.90
N LEU B 5 -61.27 -4.53 5.63
CA LEU B 5 -60.15 -4.06 4.79
C LEU B 5 -60.25 -2.61 4.33
N THR B 6 -61.44 -2.02 4.45
CA THR B 6 -61.68 -0.64 3.98
C THR B 6 -60.99 0.43 4.84
N ASN B 7 -60.63 0.09 6.07
CA ASN B 7 -60.02 1.03 7.02
C ASN B 7 -58.49 1.13 6.94
N SER B 8 -57.87 0.18 6.26
CA SER B 8 -56.41 0.07 6.20
C SER B 8 -55.72 1.26 5.55
N ASN B 9 -54.44 1.46 5.87
CA ASN B 9 -53.64 2.53 5.31
C ASN B 9 -52.46 2.02 4.48
N CYS B 10 -52.52 0.74 4.08
CA CYS B 10 -51.49 0.13 3.25
C CYS B 10 -51.50 0.66 1.81
N VAL B 11 -52.54 1.42 1.49
CA VAL B 11 -52.59 2.23 0.28
C VAL B 11 -52.87 3.69 0.65
N GLU B 12 -52.45 4.60 -0.24
CA GLU B 12 -52.58 6.03 0.02
C GLU B 12 -53.00 6.76 -1.26
N GLU B 13 -54.00 7.63 -1.12
CA GLU B 13 -54.45 8.47 -2.23
C GLU B 13 -53.65 9.76 -2.30
N TYR B 14 -53.16 10.09 -3.49
CA TYR B 14 -52.44 11.35 -3.71
C TYR B 14 -52.78 11.94 -5.08
N LYS B 15 -52.78 13.26 -5.17
CA LYS B 15 -53.13 13.96 -6.40
C LYS B 15 -51.88 14.21 -7.24
N GLU B 16 -52.02 14.01 -8.56
CA GLU B 16 -50.95 14.31 -9.52
C GLU B 16 -51.56 14.68 -10.88
N ASN B 17 -51.55 15.99 -11.18
CA ASN B 17 -52.06 16.54 -12.44
C ASN B 17 -53.52 16.17 -12.73
N GLY B 18 -54.42 16.66 -11.87
CA GLY B 18 -55.84 16.36 -11.99
C GLY B 18 -56.21 15.00 -11.41
N LYS B 19 -55.47 13.96 -11.82
CA LYS B 19 -55.74 12.59 -11.40
C LYS B 19 -55.42 12.31 -9.94
N THR B 20 -56.27 11.51 -9.29
CA THR B 20 -56.00 10.97 -7.98
C THR B 20 -55.35 9.60 -8.17
N LYS B 21 -54.14 9.45 -7.64
CA LYS B 21 -53.31 8.28 -7.85
C LYS B 21 -53.24 7.42 -6.59
N ILE B 22 -52.89 6.14 -6.78
CA ILE B 22 -52.72 5.21 -5.67
C ILE B 22 -51.24 4.92 -5.37
N ARG B 23 -50.92 4.91 -4.08
CA ARG B 23 -49.58 4.65 -3.60
C ARG B 23 -49.62 3.53 -2.57
N ILE B 24 -48.83 2.48 -2.80
CA ILE B 24 -48.67 1.42 -1.81
C ILE B 24 -47.77 1.95 -0.70
N LYS B 25 -48.16 1.69 0.54
CA LYS B 25 -47.32 2.03 1.69
C LYS B 25 -46.84 0.72 2.32
N PRO B 26 -45.67 0.23 1.87
CA PRO B 26 -45.21 -1.12 2.22
C PRO B 26 -45.10 -1.38 3.72
N PHE B 27 -44.66 -0.37 4.47
CA PHE B 27 -44.47 -0.49 5.90
C PHE B 27 -45.79 -0.59 6.65
N ASN B 28 -46.80 0.14 6.16
CA ASN B 28 -48.14 0.08 6.73
C ASN B 28 -48.80 -1.29 6.54
N ALA B 29 -48.53 -1.92 5.39
CA ALA B 29 -48.97 -3.29 5.14
C ALA B 29 -48.34 -4.25 6.14
N LEU B 30 -47.05 -4.05 6.42
CA LEU B 30 -46.30 -4.86 7.39
C LEU B 30 -46.79 -4.69 8.83
N ILE B 31 -47.04 -3.44 9.23
CA ILE B 31 -47.53 -3.14 10.57
C ILE B 31 -48.94 -3.70 10.81
N GLU B 32 -49.83 -3.52 9.83
CA GLU B 32 -51.22 -3.94 9.95
C GLU B 32 -51.40 -5.47 10.01
N LEU B 33 -50.44 -6.21 9.42
CA LEU B 33 -50.51 -7.66 9.38
C LEU B 33 -49.71 -8.35 10.49
N TYR B 34 -48.77 -7.61 11.11
CA TYR B 34 -47.86 -8.20 12.08
C TYR B 34 -47.71 -7.40 13.38
N HIS B 35 -48.77 -6.69 13.78
CA HIS B 35 -48.73 -5.87 15.00
C HIS B 35 -48.75 -6.68 16.30
N HIS B 36 -49.05 -7.99 16.18
CA HIS B 36 -49.05 -8.88 17.33
C HIS B 36 -47.79 -9.76 17.41
N GLN B 37 -47.30 -10.21 16.25
CA GLN B 37 -46.07 -11.01 16.18
C GLN B 37 -45.36 -10.90 14.83
N THR B 38 -44.03 -10.99 14.86
CA THR B 38 -43.20 -10.95 13.64
C THR B 38 -43.45 -12.18 12.77
N PRO B 39 -43.31 -12.04 11.43
CA PRO B 39 -43.51 -13.15 10.50
C PRO B 39 -42.63 -14.37 10.78
N THR B 40 -43.18 -15.56 10.55
CA THR B 40 -42.48 -16.83 10.72
C THR B 40 -42.77 -17.77 9.55
N GLY B 41 -42.05 -18.88 9.49
CA GLY B 41 -42.28 -19.91 8.48
C GLY B 41 -41.80 -19.56 7.09
N SER B 42 -42.65 -19.81 6.10
CA SER B 42 -42.31 -19.62 4.69
C SER B 42 -42.33 -18.15 4.30
N ILE B 43 -41.24 -17.70 3.67
CA ILE B 43 -41.10 -16.30 3.24
C ILE B 43 -42.07 -15.98 2.10
N LYS B 44 -42.25 -16.94 1.18
CA LYS B 44 -43.20 -16.78 0.08
C LYS B 44 -44.66 -16.78 0.52
N GLU B 45 -44.98 -17.52 1.59
CA GLU B 45 -46.31 -17.47 2.20
C GLU B 45 -46.56 -16.11 2.86
N ASN B 46 -45.50 -15.52 3.42
CA ASN B 46 -45.59 -14.18 4.00
C ASN B 46 -45.65 -13.07 2.95
N LEU B 47 -44.93 -13.25 1.84
CA LEU B 47 -44.92 -12.27 0.74
C LEU B 47 -46.23 -12.29 -0.05
N ASP B 48 -46.78 -13.49 -0.28
CA ASP B 48 -48.10 -13.65 -0.88
C ASP B 48 -49.16 -12.98 -0.02
N LYS B 49 -49.16 -13.32 1.27
CA LYS B 49 -50.06 -12.73 2.26
C LYS B 49 -50.10 -11.20 2.17
N LEU B 50 -48.92 -10.59 2.10
CA LEU B 50 -48.79 -9.13 2.03
C LEU B 50 -49.33 -8.53 0.73
N GLU B 51 -49.05 -9.19 -0.39
CA GLU B 51 -49.50 -8.69 -1.70
C GLU B 51 -51.01 -8.92 -1.89
N ASN B 52 -51.46 -10.13 -1.57
CA ASN B 52 -52.88 -10.45 -1.64
C ASN B 52 -53.71 -9.55 -0.72
N TYR B 53 -53.14 -9.20 0.43
CA TYR B 53 -53.79 -8.27 1.35
C TYR B 53 -53.95 -6.89 0.73
N VAL B 54 -52.89 -6.39 0.08
CA VAL B 54 -52.92 -5.10 -0.62
C VAL B 54 -53.95 -5.11 -1.76
N LYS B 55 -53.95 -6.20 -2.55
CA LYS B 55 -54.92 -6.40 -3.62
C LYS B 55 -56.36 -6.48 -3.11
N ASP B 56 -56.58 -7.22 -2.03
CA ASP B 56 -57.91 -7.31 -1.41
C ASP B 56 -58.37 -5.95 -0.91
N VAL B 57 -57.45 -5.19 -0.32
CA VAL B 57 -57.76 -3.85 0.22
C VAL B 57 -58.24 -2.90 -0.88
N VAL B 58 -57.46 -2.79 -1.96
CA VAL B 58 -57.78 -1.90 -3.07
C VAL B 58 -59.11 -2.29 -3.73
N LYS B 59 -59.34 -3.60 -3.86
CA LYS B 59 -60.59 -4.12 -4.40
C LYS B 59 -61.77 -3.77 -3.48
N ALA B 60 -61.54 -3.85 -2.17
CA ALA B 60 -62.54 -3.47 -1.17
C ALA B 60 -62.76 -1.96 -1.12
N LYS B 61 -61.74 -1.19 -1.50
CA LYS B 61 -61.82 0.27 -1.56
C LYS B 61 -62.31 0.77 -2.92
N GLY B 62 -62.36 -0.12 -3.90
CA GLY B 62 -62.84 0.20 -5.25
C GLY B 62 -61.87 1.00 -6.09
N LEU B 63 -60.62 1.10 -5.61
CA LEU B 63 -59.58 1.86 -6.31
C LEU B 63 -58.89 1.00 -7.38
N ALA B 64 -58.06 1.63 -8.21
CA ALA B 64 -57.39 0.95 -9.30
C ALA B 64 -56.24 0.06 -8.82
N ILE B 65 -56.05 -1.08 -9.48
CA ILE B 65 -54.99 -2.04 -9.15
C ILE B 65 -53.59 -1.45 -9.41
N PRO B 66 -52.74 -1.42 -8.37
CA PRO B 66 -51.36 -0.93 -8.53
C PRO B 66 -50.59 -1.74 -9.56
N THR B 67 -49.65 -1.08 -10.26
CA THR B 67 -48.89 -1.71 -11.34
C THR B 67 -47.93 -2.78 -10.82
N SER B 68 -47.47 -3.65 -11.73
CA SER B 68 -46.43 -4.64 -11.42
C SER B 68 -45.19 -3.97 -10.86
N GLY B 69 -44.84 -2.80 -11.42
CA GLY B 69 -43.71 -1.99 -10.97
C GLY B 69 -43.84 -1.49 -9.54
N ALA B 70 -45.07 -1.19 -9.13
CA ALA B 70 -45.35 -0.77 -7.76
C ALA B 70 -45.12 -1.94 -6.81
N PHE B 71 -45.58 -3.13 -7.21
CA PHE B 71 -45.40 -4.34 -6.42
C PHE B 71 -43.96 -4.84 -6.41
N SER B 72 -43.27 -4.74 -7.54
CA SER B 72 -41.85 -5.09 -7.62
C SER B 72 -41.07 -4.36 -6.52
N ASN B 73 -41.18 -3.02 -6.55
CA ASN B 73 -40.67 -2.13 -5.51
C ASN B 73 -41.07 -2.61 -4.11
N THR B 74 -42.37 -2.77 -3.90
CA THR B 74 -42.94 -3.11 -2.59
C THR B 74 -42.44 -4.46 -2.05
N ARG B 75 -42.25 -5.41 -2.95
CA ARG B 75 -41.79 -6.76 -2.62
C ARG B 75 -40.35 -6.76 -2.11
N GLY B 76 -39.50 -5.96 -2.75
CA GLY B 76 -38.12 -5.75 -2.29
C GLY B 76 -38.05 -5.21 -0.89
N THR B 77 -38.85 -4.17 -0.60
CA THR B 77 -38.93 -3.57 0.73
C THR B 77 -39.37 -4.59 1.79
N TRP B 78 -40.41 -5.36 1.46
CA TRP B 78 -40.95 -6.38 2.34
C TRP B 78 -39.93 -7.46 2.66
N PHE B 79 -39.28 -7.99 1.62
CA PHE B 79 -38.24 -9.01 1.75
C PHE B 79 -37.09 -8.55 2.64
N GLU B 80 -36.63 -7.32 2.41
CA GLU B 80 -35.48 -6.74 3.11
C GLU B 80 -35.75 -6.42 4.57
N VAL B 81 -36.96 -5.94 4.86
CA VAL B 81 -37.38 -5.61 6.23
C VAL B 81 -37.56 -6.89 7.05
N MET B 82 -38.21 -7.89 6.46
CA MET B 82 -38.36 -9.20 7.10
C MET B 82 -36.99 -9.78 7.46
N ILE B 83 -36.04 -9.68 6.52
CA ILE B 83 -34.66 -10.14 6.74
C ILE B 83 -33.92 -9.30 7.79
N ALA B 84 -34.11 -7.98 7.73
CA ALA B 84 -33.50 -7.05 8.69
C ALA B 84 -34.02 -7.24 10.11
N ILE B 85 -35.32 -7.54 10.23
CA ILE B 85 -35.95 -7.81 11.52
C ILE B 85 -35.50 -9.17 12.07
N GLN B 86 -35.41 -10.16 11.19
CA GLN B 86 -34.95 -11.50 11.57
C GLN B 86 -33.49 -11.50 12.00
N SER B 87 -32.69 -10.60 11.42
CA SER B 87 -31.28 -10.47 11.76
C SER B 87 -31.10 -9.78 13.11
N TRP B 88 -31.96 -8.81 13.39
CA TRP B 88 -31.98 -8.10 14.67
C TRP B 88 -32.25 -9.05 15.83
N ASN B 89 -33.20 -9.95 15.62
CA ASN B 89 -33.59 -10.90 16.65
C ASN B 89 -32.60 -12.06 16.76
N TYR B 90 -32.04 -12.45 15.62
CA TYR B 90 -31.03 -13.52 15.55
C TYR B 90 -29.83 -13.26 16.46
N ARG B 91 -29.32 -12.03 16.46
CA ARG B 91 -28.16 -11.67 17.29
C ARG B 91 -28.49 -11.55 18.77
N VAL B 92 -29.76 -11.23 19.07
CA VAL B 92 -30.24 -11.18 20.45
C VAL B 92 -30.34 -12.60 21.00
N LYS B 93 -30.97 -13.47 20.22
CA LYS B 93 -31.16 -14.88 20.58
C LYS B 93 -29.82 -15.62 20.64
N ARG B 94 -28.98 -15.43 19.63
CA ARG B 94 -27.64 -16.02 19.59
C ARG B 94 -26.64 -15.35 20.55
N GLU B 95 -27.09 -14.29 21.22
CA GLU B 95 -26.29 -13.53 22.19
C GLU B 95 -24.92 -13.10 21.64
N LEU B 96 -24.93 -12.50 20.44
CA LEU B 96 -23.71 -12.01 19.82
C LEU B 96 -23.41 -10.59 20.28
N ASN B 97 -22.58 -10.47 21.31
CA ASN B 97 -22.31 -9.20 21.98
C ASN B 97 -21.32 -8.30 21.24
N ASP B 98 -20.85 -8.77 20.08
CA ASP B 98 -19.82 -8.06 19.34
C ASP B 98 -20.16 -7.94 17.84
N TYR B 99 -21.37 -8.35 17.48
CA TYR B 99 -21.80 -8.40 16.09
C TYR B 99 -23.05 -7.57 15.83
N LEU B 100 -23.06 -6.86 14.70
CA LEU B 100 -24.25 -6.12 14.23
C LEU B 100 -24.59 -6.49 12.80
N ILE B 101 -25.87 -6.75 12.55
CA ILE B 101 -26.37 -6.96 11.19
C ILE B 101 -27.28 -5.78 10.81
N ILE B 102 -26.88 -5.04 9.78
CA ILE B 102 -27.44 -3.72 9.48
C ILE B 102 -28.08 -3.63 8.09
N LYS B 103 -29.35 -3.22 8.06
CA LYS B 103 -30.04 -2.88 6.82
C LYS B 103 -29.59 -1.49 6.39
N MET B 104 -29.06 -1.40 5.18
CA MET B 104 -28.45 -0.17 4.68
C MET B 104 -29.37 0.60 3.75
N PRO B 105 -29.43 1.95 3.91
CA PRO B 105 -30.18 2.81 3.00
C PRO B 105 -29.45 2.97 1.66
N ASN B 106 -29.89 3.90 0.81
CA ASN B 106 -29.22 4.12 -0.47
C ASN B 106 -27.94 4.97 -0.35
N VAL B 107 -27.15 5.00 -1.43
CA VAL B 107 -25.83 5.64 -1.45
C VAL B 107 -25.85 7.15 -1.18
N LYS B 108 -26.91 7.84 -1.61
CA LYS B 108 -27.04 9.29 -1.39
C LYS B 108 -27.46 9.62 0.03
N THR B 109 -28.42 8.87 0.56
CA THR B 109 -28.82 8.99 1.96
C THR B 109 -27.60 8.82 2.85
N PHE B 110 -26.90 7.71 2.67
CA PHE B 110 -25.75 7.37 3.50
C PHE B 110 -24.81 6.44 2.74
N ASP B 111 -23.77 7.00 2.13
CA ASP B 111 -22.73 6.23 1.47
C ASP B 111 -22.12 5.27 2.49
N PHE B 112 -21.97 4.00 2.09
CA PHE B 112 -21.46 2.96 2.99
C PHE B 112 -20.04 3.26 3.50
N ARG B 113 -19.29 4.05 2.73
CA ARG B 113 -17.95 4.51 3.10
C ARG B 113 -17.96 5.34 4.39
N LYS B 114 -19.11 5.92 4.74
CA LYS B 114 -19.23 6.77 5.92
C LYS B 114 -19.29 6.01 7.25
N ILE B 115 -19.40 4.68 7.18
CA ILE B 115 -19.36 3.85 8.40
C ILE B 115 -17.94 3.82 9.01
N PHE B 116 -16.95 4.06 8.17
CA PHE B 116 -15.55 3.92 8.55
C PHE B 116 -15.01 5.07 9.40
N ASP B 117 -13.92 4.81 10.12
CA ASP B 117 -13.25 5.86 10.89
C ASP B 117 -12.45 6.81 9.99
N ASN B 118 -11.96 7.90 10.57
CA ASN B 118 -11.23 8.94 9.82
C ASN B 118 -10.05 8.40 9.03
N GLU B 119 -9.22 7.58 9.69
CA GLU B 119 -8.04 7.00 9.07
C GLU B 119 -8.39 6.18 7.82
N THR B 120 -9.42 5.35 7.95
CA THR B 120 -9.88 4.49 6.84
C THR B 120 -10.44 5.31 5.68
N ARG B 121 -11.29 6.27 5.99
CA ARG B 121 -11.89 7.14 4.98
C ARG B 121 -10.83 7.93 4.20
N GLU B 122 -9.78 8.34 4.90
CA GLU B 122 -8.63 9.00 4.28
C GLU B 122 -7.96 8.09 3.23
N LYS B 123 -7.71 6.84 3.60
CA LYS B 123 -7.14 5.85 2.69
C LYS B 123 -8.01 5.64 1.44
N LEU B 124 -9.32 5.51 1.65
CA LEU B 124 -10.28 5.39 0.55
C LEU B 124 -10.34 6.65 -0.31
N HIS B 125 -10.21 7.81 0.33
CA HIS B 125 -10.16 9.09 -0.38
C HIS B 125 -8.89 9.22 -1.23
N GLN B 126 -7.76 8.76 -0.70
CA GLN B 126 -6.49 8.74 -1.45
C GLN B 126 -6.61 7.96 -2.75
N LEU B 127 -7.21 6.77 -2.69
CA LEU B 127 -7.44 5.96 -3.88
C LEU B 127 -8.39 6.63 -4.89
N GLU B 128 -9.54 7.09 -4.42
N GLU B 128 -9.55 7.07 -4.41
CA GLU B 128 -10.55 7.63 -5.33
CA GLU B 128 -10.59 7.67 -5.28
C GLU B 128 -10.27 9.04 -5.85
C GLU B 128 -10.09 8.94 -5.96
N LYS B 129 -9.34 9.74 -5.20
CA LYS B 129 -8.84 11.03 -5.71
C LYS B 129 -7.76 10.81 -6.77
N SER B 130 -6.96 9.76 -6.59
CA SER B 130 -5.90 9.43 -7.53
C SER B 130 -6.46 8.88 -8.84
N LEU B 131 -7.57 8.15 -8.77
CA LEU B 131 -8.24 7.62 -9.96
C LEU B 131 -8.86 8.72 -10.81
N LEU B 132 -9.20 9.83 -10.18
CA LEU B 132 -9.73 11.01 -10.88
C LEU B 132 -8.61 11.89 -11.44
N THR B 133 -7.47 11.89 -10.75
CA THR B 133 -6.29 12.63 -11.17
C THR B 133 -5.58 11.88 -12.31
N HIS B 134 -6.31 11.75 -13.42
CA HIS B 134 -5.84 11.05 -14.61
C HIS B 134 -6.55 11.65 -15.82
N LYS B 135 -6.03 11.33 -17.00
CA LYS B 135 -6.60 11.77 -18.28
C LYS B 135 -8.04 11.27 -18.43
N GLN B 136 -8.20 9.95 -18.48
CA GLN B 136 -9.51 9.32 -18.48
C GLN B 136 -9.92 9.10 -17.02
N GLN B 137 -10.86 9.91 -16.53
CA GLN B 137 -11.28 9.88 -15.13
C GLN B 137 -11.95 8.56 -14.73
N VAL B 138 -11.54 8.02 -13.59
CA VAL B 138 -11.93 6.68 -13.16
C VAL B 138 -12.56 6.72 -11.77
N ARG B 139 -13.60 5.92 -11.57
CA ARG B 139 -14.31 5.84 -10.29
C ARG B 139 -14.57 4.40 -9.84
N LEU B 140 -15.03 4.24 -8.61
CA LEU B 140 -15.45 2.94 -8.10
C LEU B 140 -16.87 3.02 -7.56
N ILE B 141 -17.85 2.99 -8.47
CA ILE B 141 -19.24 3.19 -8.09
C ILE B 141 -20.06 1.90 -8.10
N THR B 142 -20.77 1.69 -6.99
CA THR B 142 -21.74 0.62 -6.86
C THR B 142 -22.89 1.08 -5.97
N SER B 143 -24.00 0.35 -6.02
CA SER B 143 -25.09 0.58 -5.08
C SER B 143 -24.66 0.10 -3.70
N ASN B 144 -25.19 0.74 -2.66
CA ASN B 144 -24.96 0.28 -1.29
C ASN B 144 -25.39 -1.17 -1.10
N PRO B 145 -24.53 -1.99 -0.46
CA PRO B 145 -24.96 -3.35 -0.10
C PRO B 145 -26.21 -3.29 0.79
N ASP B 146 -27.19 -4.16 0.51
CA ASP B 146 -28.45 -4.17 1.25
C ASP B 146 -28.21 -4.40 2.75
N LEU B 147 -27.33 -5.34 3.05
CA LEU B 147 -27.05 -5.73 4.43
C LEU B 147 -25.55 -5.69 4.71
N LEU B 148 -25.19 -5.21 5.90
CA LEU B 148 -23.80 -5.23 6.34
C LEU B 148 -23.66 -5.90 7.68
N ILE B 149 -22.61 -6.72 7.81
CA ILE B 149 -22.28 -7.35 9.08
C ILE B 149 -20.98 -6.74 9.59
N ILE B 150 -21.03 -6.20 10.81
CA ILE B 150 -19.88 -5.56 11.44
C ILE B 150 -19.52 -6.30 12.73
N ARG B 151 -18.24 -6.64 12.85
CA ARG B 151 -17.72 -7.21 14.09
C ARG B 151 -16.88 -6.17 14.83
N GLN B 152 -17.49 -5.54 15.83
CA GLN B 152 -16.82 -4.56 16.68
C GLN B 152 -17.57 -4.44 18.02
N LYS B 153 -16.86 -4.68 19.11
CA LYS B 153 -17.47 -4.80 20.44
C LYS B 153 -18.05 -3.49 21.00
N ASP B 154 -17.33 -2.39 20.81
CA ASP B 154 -17.71 -1.10 21.40
C ASP B 154 -18.95 -0.45 20.74
N LEU B 155 -19.31 -0.92 19.55
CA LEU B 155 -20.47 -0.39 18.82
C LEU B 155 -21.81 -0.88 19.39
N ILE B 156 -21.78 -2.02 20.06
CA ILE B 156 -22.99 -2.65 20.60
C ILE B 156 -23.55 -1.88 21.79
N LYS B 157 -24.84 -1.52 21.70
CA LYS B 157 -25.56 -0.86 22.77
C LYS B 157 -26.63 -1.79 23.32
N SER B 158 -26.92 -1.66 24.62
CA SER B 158 -27.93 -2.49 25.28
C SER B 158 -29.33 -2.37 24.64
N GLU B 159 -29.61 -1.20 24.05
CA GLU B 159 -30.86 -0.97 23.31
C GLU B 159 -31.09 -2.01 22.21
N TYR B 160 -30.00 -2.49 21.61
CA TYR B 160 -30.07 -3.46 20.52
C TYR B 160 -30.46 -4.85 20.99
N ASN B 161 -30.35 -5.08 22.30
CA ASN B 161 -30.65 -6.37 22.90
C ASN B 161 -32.12 -6.52 23.32
N LEU B 162 -32.91 -5.50 22.98
CA LEU B 162 -34.36 -5.59 23.07
C LEU B 162 -34.86 -6.27 21.79
N PRO B 163 -35.45 -7.48 21.94
CA PRO B 163 -35.96 -8.19 20.77
C PRO B 163 -37.23 -7.52 20.22
N ILE B 164 -37.39 -7.59 18.90
CA ILE B 164 -38.60 -7.07 18.25
C ILE B 164 -39.67 -8.16 18.24
N ASN B 165 -40.62 -8.03 19.16
CA ASN B 165 -41.69 -9.02 19.32
C ASN B 165 -42.78 -8.85 18.27
N LYS B 166 -42.94 -7.62 17.77
CA LYS B 166 -44.02 -7.28 16.84
C LYS B 166 -43.65 -6.06 16.01
N LEU B 167 -44.20 -5.99 14.79
CA LEU B 167 -43.89 -4.92 13.85
C LEU B 167 -44.73 -3.66 14.10
N THR B 168 -44.07 -2.58 14.49
CA THR B 168 -44.70 -1.28 14.69
C THR B 168 -43.96 -0.23 13.87
N HIS B 169 -44.35 1.04 14.05
CA HIS B 169 -43.63 2.15 13.43
C HIS B 169 -42.26 2.35 14.07
N GLU B 170 -42.22 2.29 15.40
CA GLU B 170 -40.98 2.52 16.15
C GLU B 170 -39.99 1.36 16.03
N ASN B 171 -40.50 0.15 15.86
CA ASN B 171 -39.67 -1.05 15.70
C ASN B 171 -39.00 -1.15 14.34
N ILE B 172 -39.75 -0.78 13.29
CA ILE B 172 -39.21 -0.74 11.93
C ILE B 172 -38.17 0.37 11.79
N ASP B 173 -38.49 1.54 12.35
CA ASP B 173 -37.62 2.72 12.30
C ASP B 173 -36.24 2.51 12.94
N VAL B 174 -36.21 1.91 14.13
CA VAL B 174 -34.95 1.68 14.85
C VAL B 174 -34.00 0.73 14.11
N ALA B 175 -34.59 -0.30 13.50
CA ALA B 175 -33.83 -1.27 12.71
C ALA B 175 -33.31 -0.64 11.41
N LEU B 176 -34.13 0.20 10.80
CA LEU B 176 -33.78 0.84 9.53
C LEU B 176 -32.94 2.10 9.69
N THR B 177 -32.81 2.59 10.93
CA THR B 177 -31.93 3.71 11.25
C THR B 177 -30.80 3.29 12.18
N LEU B 178 -30.42 2.01 12.09
CA LEU B 178 -29.32 1.45 12.87
C LEU B 178 -27.96 1.89 12.33
N PHE B 179 -27.91 2.18 11.04
CA PHE B 179 -26.71 2.67 10.36
C PHE B 179 -26.20 4.00 10.92
N LYS B 180 -27.13 4.81 11.41
CA LYS B 180 -26.83 6.15 11.95
C LYS B 180 -25.91 6.10 13.17
N ASP B 181 -26.07 5.05 13.98
CA ASP B 181 -25.31 4.89 15.22
C ASP B 181 -23.84 4.54 15.01
N ILE B 182 -23.52 3.93 13.86
CA ILE B 182 -22.16 3.48 13.58
C ILE B 182 -21.38 4.44 12.67
N GLU B 183 -22.02 5.54 12.30
CA GLU B 183 -21.41 6.52 11.40
C GLU B 183 -20.03 7.00 11.88
N GLY B 184 -19.02 6.80 11.02
CA GLY B 184 -17.66 7.27 11.26
C GLY B 184 -16.89 6.58 12.36
N LYS B 185 -17.28 5.36 12.72
CA LYS B 185 -16.71 4.69 13.90
C LYS B 185 -16.12 3.28 13.68
N CYS B 186 -16.57 2.60 12.62
CA CYS B 186 -16.10 1.25 12.32
C CYS B 186 -14.64 1.24 11.88
N LYS B 187 -13.84 0.36 12.49
CA LYS B 187 -12.46 0.14 12.06
C LYS B 187 -12.46 -0.62 10.75
N TRP B 188 -11.52 -0.29 9.86
CA TRP B 188 -11.48 -0.84 8.49
C TRP B 188 -11.79 -2.34 8.37
N ASP B 189 -11.33 -3.12 9.35
CA ASP B 189 -11.47 -4.56 9.31
C ASP B 189 -12.53 -5.08 10.28
N SER B 190 -13.41 -4.17 10.73
CA SER B 190 -14.62 -4.56 11.45
C SER B 190 -15.67 -5.02 10.47
N LEU B 191 -15.58 -4.49 9.25
CA LEU B 191 -16.46 -4.87 8.15
C LEU B 191 -16.11 -6.27 7.67
N VAL B 192 -16.93 -7.24 8.06
CA VAL B 192 -16.63 -8.64 7.83
C VAL B 192 -17.36 -9.27 6.63
N ALA B 193 -18.59 -8.81 6.39
CA ALA B 193 -19.40 -9.33 5.27
C ALA B 193 -20.47 -8.38 4.74
N GLY B 194 -20.85 -8.58 3.48
CA GLY B 194 -21.95 -7.86 2.87
C GLY B 194 -22.94 -8.86 2.27
N VAL B 195 -24.21 -8.47 2.20
CA VAL B 195 -25.26 -9.30 1.61
C VAL B 195 -26.18 -8.49 0.69
N GLY B 196 -26.32 -8.97 -0.55
CA GLY B 196 -27.31 -8.44 -1.48
C GLY B 196 -28.55 -9.32 -1.46
N LEU B 197 -29.72 -8.69 -1.29
CA LEU B 197 -30.98 -9.42 -1.14
C LEU B 197 -31.91 -9.21 -2.33
N LYS B 198 -32.42 -10.31 -2.88
CA LYS B 198 -33.35 -10.25 -4.03
C LYS B 198 -34.46 -11.27 -3.91
N THR B 199 -35.71 -10.83 -4.12
CA THR B 199 -36.86 -11.75 -4.13
C THR B 199 -36.70 -12.81 -5.22
N SER B 200 -36.27 -12.36 -6.42
CA SER B 200 -35.97 -13.25 -7.53
C SER B 200 -34.72 -12.81 -8.28
N LEU B 201 -34.12 -13.72 -9.03
CA LEU B 201 -32.97 -13.40 -9.86
C LEU B 201 -33.36 -13.44 -11.33
N ARG B 202 -32.59 -12.72 -12.16
CA ARG B 202 -32.71 -12.83 -13.61
C ARG B 202 -31.29 -12.97 -14.16
N PRO B 203 -31.13 -13.58 -15.35
CA PRO B 203 -29.80 -13.66 -15.97
C PRO B 203 -29.04 -12.33 -16.09
N ASP B 204 -29.76 -11.21 -16.08
CA ASP B 204 -29.11 -9.89 -16.09
C ASP B 204 -28.97 -9.28 -14.69
N ARG B 205 -30.04 -9.24 -13.92
CA ARG B 205 -30.03 -8.61 -12.59
C ARG B 205 -29.12 -9.33 -11.59
N ARG B 206 -28.88 -10.63 -11.81
CA ARG B 206 -28.02 -11.40 -10.92
C ARG B 206 -26.55 -10.96 -11.06
N LEU B 207 -26.23 -10.38 -12.23
CA LEU B 207 -24.89 -9.83 -12.50
C LEU B 207 -24.58 -8.55 -11.69
N GLN B 208 -25.62 -7.94 -11.12
N GLN B 208 -25.62 -7.93 -11.13
CA GLN B 208 -25.45 -6.78 -10.24
CA GLN B 208 -25.47 -6.78 -10.23
C GLN B 208 -24.83 -7.16 -8.89
C GLN B 208 -24.76 -7.20 -8.94
N LEU B 209 -25.05 -8.41 -8.48
CA LEU B 209 -24.42 -8.97 -7.27
C LEU B 209 -22.92 -9.19 -7.50
N VAL B 210 -22.58 -9.62 -8.71
CA VAL B 210 -21.19 -9.81 -9.13
C VAL B 210 -20.46 -8.47 -9.15
N HIS B 211 -21.09 -7.46 -9.75
CA HIS B 211 -20.51 -6.12 -9.81
C HIS B 211 -20.22 -5.56 -8.42
N GLU B 212 -21.21 -5.69 -7.54
CA GLU B 212 -21.11 -5.15 -6.19
C GLU B 212 -19.98 -5.79 -5.41
N GLY B 213 -19.92 -7.13 -5.45
CA GLY B 213 -18.88 -7.89 -4.77
C GLY B 213 -17.50 -7.54 -5.28
N ASN B 214 -17.38 -7.39 -6.59
CA ASN B 214 -16.15 -6.97 -7.25
C ASN B 214 -15.65 -5.60 -6.78
N ILE B 215 -16.53 -4.60 -6.81
CA ILE B 215 -16.16 -3.24 -6.44
C ILE B 215 -15.85 -3.11 -4.93
N LEU B 216 -16.63 -3.76 -4.08
CA LEU B 216 -16.41 -3.75 -2.63
C LEU B 216 -15.15 -4.49 -2.21
N LYS B 217 -14.79 -5.51 -2.98
CA LYS B 217 -13.58 -6.29 -2.71
C LYS B 217 -12.35 -5.59 -3.26
N SER B 218 -12.55 -4.79 -4.29
CA SER B 218 -11.50 -3.95 -4.85
C SER B 218 -11.14 -2.81 -3.90
N LEU B 219 -12.16 -2.27 -3.24
CA LEU B 219 -11.96 -1.24 -2.23
C LEU B 219 -11.30 -1.81 -0.98
N PHE B 220 -11.70 -3.01 -0.60
CA PHE B 220 -11.16 -3.69 0.59
C PHE B 220 -9.71 -4.17 0.39
N ALA B 221 -9.40 -4.63 -0.82
CA ALA B 221 -8.04 -5.02 -1.19
C ALA B 221 -7.04 -3.86 -1.04
N HIS B 222 -7.49 -2.65 -1.36
N HIS B 222 -7.48 -2.65 -1.40
CA HIS B 222 -6.66 -1.45 -1.23
CA HIS B 222 -6.67 -1.46 -1.21
C HIS B 222 -6.51 -0.96 0.22
C HIS B 222 -6.36 -1.27 0.27
N LEU B 223 -7.38 -1.43 1.11
CA LEU B 223 -7.25 -1.19 2.55
C LEU B 223 -6.33 -2.25 3.18
N LYS B 224 -6.39 -3.46 2.64
CA LYS B 224 -5.51 -4.56 3.05
C LYS B 224 -4.05 -4.24 2.78
N MET B 225 -3.79 -3.65 1.61
CA MET B 225 -2.47 -3.16 1.23
C MET B 225 -2.01 -2.00 2.09
N ALA B 226 -2.93 -1.05 2.33
CA ALA B 226 -2.64 0.21 3.01
C ALA B 226 -2.41 0.02 4.50
N TYR B 227 -2.96 -1.05 5.05
CA TYR B 227 -2.68 -1.44 6.43
C TYR B 227 -1.76 -2.66 6.46
N TRP B 228 -1.38 -3.13 5.27
CA TRP B 228 -0.51 -4.30 5.08
C TRP B 228 -0.91 -5.49 5.96
N ASN B 229 -2.08 -6.04 5.66
CA ASN B 229 -2.70 -7.05 6.50
C ASN B 229 -3.32 -8.18 5.67
N PRO B 230 -2.61 -9.32 5.56
CA PRO B 230 -3.11 -10.48 4.82
C PRO B 230 -4.22 -11.25 5.54
N LYS B 231 -4.28 -11.14 6.86
CA LYS B 231 -5.23 -11.92 7.66
C LYS B 231 -6.70 -11.54 7.45
N ALA B 232 -7.00 -10.25 7.46
CA ALA B 232 -8.36 -9.75 7.33
C ALA B 232 -8.98 -10.07 5.98
N GLU B 233 -10.27 -10.40 5.99
CA GLU B 233 -11.01 -10.62 4.76
C GLU B 233 -12.44 -10.12 4.83
N PHE B 234 -12.98 -9.76 3.67
CA PHE B 234 -14.36 -9.32 3.53
C PHE B 234 -15.05 -10.25 2.52
N LYS B 235 -16.18 -10.80 2.94
CA LYS B 235 -16.96 -11.67 2.05
C LYS B 235 -18.29 -11.05 1.63
N TYR B 236 -18.67 -11.28 0.37
CA TYR B 236 -19.93 -10.79 -0.17
C TYR B 236 -20.85 -11.93 -0.55
N TYR B 237 -22.13 -11.79 -0.25
CA TYR B 237 -23.09 -12.86 -0.46
C TYR B 237 -24.33 -12.38 -1.20
N GLY B 238 -24.98 -13.31 -1.88
CA GLY B 238 -26.29 -13.07 -2.46
C GLY B 238 -27.31 -13.98 -1.81
N ALA B 239 -28.57 -13.56 -1.80
CA ALA B 239 -29.66 -14.38 -1.28
C ALA B 239 -30.96 -14.15 -2.05
N SER B 240 -31.52 -15.23 -2.58
CA SER B 240 -32.81 -15.17 -3.28
C SER B 240 -33.89 -15.81 -2.43
N SER B 241 -35.12 -15.31 -2.56
CA SER B 241 -36.27 -15.90 -1.87
C SER B 241 -36.71 -17.15 -2.61
N GLU B 242 -36.45 -17.18 -3.92
CA GLU B 242 -36.81 -18.27 -4.80
C GLU B 242 -35.67 -19.27 -4.90
N PRO B 243 -35.95 -20.47 -5.47
CA PRO B 243 -34.88 -21.44 -5.73
C PRO B 243 -33.75 -20.86 -6.56
N VAL B 244 -32.56 -21.44 -6.44
CA VAL B 244 -31.38 -21.00 -7.17
C VAL B 244 -30.91 -22.10 -8.11
N SER B 245 -31.00 -21.83 -9.41
CA SER B 245 -30.67 -22.82 -10.45
C SER B 245 -29.17 -22.95 -10.67
N LYS B 246 -28.78 -23.95 -11.45
CA LYS B 246 -27.38 -24.18 -11.82
C LYS B 246 -26.83 -22.99 -12.59
N ALA B 247 -27.67 -22.39 -13.44
CA ALA B 247 -27.29 -21.23 -14.25
C ALA B 247 -27.03 -20.00 -13.38
N ASP B 248 -27.89 -19.80 -12.37
CA ASP B 248 -27.68 -18.76 -11.37
C ASP B 248 -26.35 -18.99 -10.63
N ASP B 249 -26.12 -20.25 -10.23
CA ASP B 249 -24.91 -20.65 -9.50
C ASP B 249 -23.63 -20.33 -10.26
N ASP B 250 -23.57 -20.79 -11.52
CA ASP B 250 -22.39 -20.59 -12.37
C ASP B 250 -22.05 -19.12 -12.57
N ALA B 251 -23.07 -18.29 -12.82
CA ALA B 251 -22.90 -16.85 -12.96
C ALA B 251 -22.38 -16.21 -11.67
N LEU B 252 -22.87 -16.68 -10.53
CA LEU B 252 -22.45 -16.13 -9.24
C LEU B 252 -21.15 -16.76 -8.74
N GLN B 253 -20.51 -17.57 -9.59
CA GLN B 253 -19.15 -18.06 -9.33
C GLN B 253 -18.13 -17.18 -10.06
N THR B 254 -18.62 -16.13 -10.72
CA THR B 254 -17.76 -15.20 -11.45
C THR B 254 -16.78 -14.46 -10.54
N ALA B 255 -15.52 -14.40 -10.99
CA ALA B 255 -14.40 -13.88 -10.21
C ALA B 255 -14.41 -12.38 -9.92
N ALA B 256 -13.79 -12.02 -8.80
CA ALA B 256 -13.26 -10.69 -8.57
C ALA B 256 -12.04 -10.57 -9.48
N THR B 257 -12.19 -9.82 -10.57
CA THR B 257 -11.26 -9.84 -11.70
C THR B 257 -9.84 -9.34 -11.42
N HIS B 258 -9.66 -8.58 -10.35
CA HIS B 258 -8.33 -8.15 -9.92
C HIS B 258 -7.52 -9.30 -9.29
N THR B 259 -8.16 -10.45 -9.09
CA THR B 259 -7.52 -11.59 -8.41
C THR B 259 -7.14 -12.73 -9.35
N ILE B 260 -7.32 -12.53 -10.66
CA ILE B 260 -7.05 -13.59 -11.64
C ILE B 260 -6.07 -13.17 -12.75
N VAL B 261 -5.42 -12.03 -12.56
CA VAL B 261 -4.51 -11.49 -13.58
C VAL B 261 -3.29 -12.40 -13.78
N ASN B 262 -2.92 -13.13 -12.73
CA ASN B 262 -1.68 -13.91 -12.76
C ASN B 262 -1.89 -15.43 -12.67
N VAL B 263 -0.97 -16.18 -13.27
CA VAL B 263 -1.10 -17.64 -13.40
C VAL B 263 -1.06 -18.39 -12.05
N ASN B 264 -0.34 -17.84 -11.08
CA ASN B 264 -0.30 -18.43 -9.75
C ASN B 264 -1.03 -17.58 -8.71
N SER B 265 -1.91 -16.71 -9.21
CA SER B 265 -2.82 -15.97 -8.37
C SER B 265 -3.93 -16.93 -7.96
N THR B 266 -4.25 -16.94 -6.67
CA THR B 266 -5.36 -17.74 -6.17
C THR B 266 -6.66 -16.94 -6.35
N PRO B 267 -7.52 -17.37 -7.30
CA PRO B 267 -8.70 -16.63 -7.72
C PRO B 267 -9.76 -16.51 -6.65
N GLU B 268 -10.51 -15.42 -6.70
CA GLU B 268 -11.55 -15.17 -5.72
C GLU B 268 -12.85 -14.81 -6.42
N ARG B 269 -13.94 -15.36 -5.90
CA ARG B 269 -15.28 -15.01 -6.37
C ARG B 269 -15.69 -13.65 -5.84
N ALA B 270 -16.37 -12.89 -6.68
CA ALA B 270 -16.97 -11.62 -6.26
C ALA B 270 -18.06 -11.87 -5.21
N VAL B 271 -18.85 -12.93 -5.44
CA VAL B 271 -19.85 -13.39 -4.48
C VAL B 271 -19.42 -14.76 -3.93
N ASP B 272 -19.21 -14.84 -2.62
CA ASP B 272 -18.66 -16.05 -1.99
C ASP B 272 -19.63 -17.23 -1.85
N ASP B 273 -20.92 -16.92 -1.68
CA ASP B 273 -21.96 -17.95 -1.69
C ASP B 273 -23.31 -17.31 -2.00
N ILE B 274 -24.20 -18.10 -2.57
CA ILE B 274 -25.57 -17.69 -2.86
C ILE B 274 -26.52 -18.58 -2.06
N PHE B 275 -27.45 -17.96 -1.35
CA PHE B 275 -28.38 -18.67 -0.48
C PHE B 275 -29.79 -18.65 -1.05
N SER B 276 -30.53 -19.74 -0.81
CA SER B 276 -31.94 -19.79 -1.15
C SER B 276 -32.77 -19.68 0.12
N LEU B 277 -33.39 -18.52 0.30
CA LEU B 277 -34.14 -18.22 1.50
C LEU B 277 -35.62 -18.53 1.32
N THR B 278 -36.00 -19.77 1.57
CA THR B 278 -37.39 -20.20 1.44
C THR B 278 -38.16 -20.01 2.75
N SER B 279 -37.44 -20.08 3.86
CA SER B 279 -38.03 -19.90 5.18
C SER B 279 -37.20 -18.97 6.08
N PHE B 280 -37.79 -18.55 7.20
CA PHE B 280 -37.10 -17.70 8.16
C PHE B 280 -35.96 -18.43 8.88
N GLU B 281 -36.10 -19.74 9.02
CA GLU B 281 -35.03 -20.61 9.52
C GLU B 281 -33.81 -20.63 8.60
N ASP B 282 -34.05 -20.49 7.29
CA ASP B 282 -32.97 -20.40 6.29
C ASP B 282 -32.15 -19.12 6.43
N ILE B 283 -32.80 -18.04 6.86
CA ILE B 283 -32.11 -16.77 7.15
C ILE B 283 -31.13 -16.96 8.30
N ASP B 284 -31.55 -17.67 9.34
CA ASP B 284 -30.70 -17.99 10.48
C ASP B 284 -29.55 -18.90 10.06
N LYS B 285 -29.85 -19.90 9.24
CA LYS B 285 -28.83 -20.81 8.73
C LYS B 285 -27.83 -20.09 7.82
N MET B 286 -28.31 -19.10 7.07
CA MET B 286 -27.44 -18.24 6.25
C MET B 286 -26.49 -17.45 7.15
N LEU B 287 -27.05 -16.85 8.20
CA LEU B 287 -26.29 -16.01 9.12
C LEU B 287 -25.30 -16.82 9.95
N ASP B 288 -25.67 -18.05 10.27
CA ASP B 288 -24.77 -19.03 10.91
C ASP B 288 -23.47 -19.23 10.13
N GLN B 289 -23.58 -19.31 8.81
CA GLN B 289 -22.42 -19.53 7.93
C GLN B 289 -21.60 -18.24 7.70
N ILE B 290 -22.28 -17.12 7.51
CA ILE B 290 -21.63 -15.83 7.29
C ILE B 290 -20.76 -15.43 8.49
N ILE B 291 -21.29 -15.66 9.69
CA ILE B 291 -20.59 -15.33 10.94
C ILE B 291 -19.55 -16.43 11.32
N LYS B 292 -19.56 -17.52 10.57
CA LYS B 292 -18.53 -18.59 10.63
C LYS B 292 -18.48 -19.35 11.95
#